data_4UDW
#
_entry.id   4UDW
#
_cell.length_a   69.640
_cell.length_b   71.106
_cell.length_c   72.327
_cell.angle_alpha   90.00
_cell.angle_beta   100.44
_cell.angle_gamma   90.00
#
_symmetry.space_group_name_H-M   'C 1 2 1'
#
loop_
_entity.id
_entity.type
_entity.pdbx_description
1 polymer 'THROMBIN HEAVY CHAIN'
2 polymer 'HIRUDIN VARIANT-2'
3 polymer 'THROMBIN LIGHT CHAIN'
4 non-polymer 'SODIUM ION'
5 non-polymer D-phenylalanyl-N-(2,5-dichlorobenzyl)-L-prolinamide
6 non-polymer 'PHOSPHATE ION'
7 non-polymer GLYCEROL
8 non-polymer 2-acetamido-2-deoxy-beta-D-glucopyranose
9 water water
#
loop_
_entity_poly.entity_id
_entity_poly.type
_entity_poly.pdbx_seq_one_letter_code
_entity_poly.pdbx_strand_id
1 'polypeptide(L)'
;IVEGSDAEIGMSPWQVMLFRKSPQELLCGASLISDRWVLTAAHCLLYPPWDKNFTENDLLVRIGKHSRTRYERNIEKISM
LEKIYIHPRYNWRENLDRDIALMKLKKPVAFSDYIHPVCLPDRETAASLLQAGYKGRVTGWGNLKETWTANVGKGQPSVL
QVVNLPIVERPVCKDSTRIRITDNMFCAGYKPDEGKRGDACEGDSGGPFVMKSPFNNRWYQMGIVSWGEGCDRDGKYGFY
THVFRLKKWIQKVIDQFG
;
H
2 'polypeptide(L)' DFEEIPEE(TYS)LQ I
3 'polypeptide(L)' EADCGLRPLFEKKSLEDKTERELLESYI L
#
# COMPACT_ATOMS: atom_id res chain seq x y z
N ILE A 1 -0.18 -5.76 -9.74
CA ILE A 1 -1.12 -4.77 -10.24
C ILE A 1 -1.49 -5.15 -11.66
N VAL A 2 -2.79 -5.23 -11.93
CA VAL A 2 -3.33 -5.55 -13.24
C VAL A 2 -3.73 -4.28 -13.97
N GLU A 3 -3.29 -4.15 -15.22
CA GLU A 3 -3.68 -3.06 -16.08
C GLU A 3 -3.19 -1.70 -15.56
N GLY A 4 -2.04 -1.73 -14.89
CA GLY A 4 -1.34 -0.51 -14.52
C GLY A 4 -0.18 -0.23 -15.47
N SER A 5 0.74 0.60 -15.00
CA SER A 5 1.90 0.97 -15.75
C SER A 5 3.12 1.01 -14.87
N ASP A 6 4.28 1.07 -15.49
CA ASP A 6 5.51 1.24 -14.74
C ASP A 6 5.50 2.55 -13.99
N ALA A 7 5.91 2.50 -12.74
CA ALA A 7 6.07 3.73 -11.97
C ALA A 7 7.20 4.55 -12.55
N GLU A 8 7.12 5.86 -12.39
CA GLU A 8 8.24 6.74 -12.60
C GLU A 8 9.22 6.61 -11.42
N ILE A 9 10.46 6.94 -11.69
CA ILE A 9 11.45 6.96 -10.64
C ILE A 9 11.05 7.97 -9.56
N GLY A 10 11.07 7.52 -8.31
CA GLY A 10 10.73 8.38 -7.20
C GLY A 10 9.26 8.70 -7.07
N MET A 11 8.39 8.00 -7.81
CA MET A 11 6.97 8.32 -7.83
C MET A 11 6.27 7.96 -6.53
N SER A 12 6.78 6.94 -5.86
CA SER A 12 6.16 6.36 -4.68
CA SER A 12 6.17 6.39 -4.66
C SER A 12 7.25 6.08 -3.65
N PRO A 13 7.88 7.14 -3.11
CA PRO A 13 9.10 6.90 -2.32
C PRO A 13 8.81 6.34 -0.95
N TRP A 14 7.53 6.24 -0.60
CA TRP A 14 7.09 5.55 0.59
C TRP A 14 6.86 4.05 0.37
N GLN A 15 7.00 3.57 -0.86
CA GLN A 15 6.79 2.16 -1.14
CA GLN A 15 6.73 2.17 -1.12
C GLN A 15 7.77 1.29 -0.41
N VAL A 16 7.29 0.23 0.20
CA VAL A 16 8.14 -0.74 0.86
C VAL A 16 7.83 -2.12 0.33
N MET A 17 8.87 -2.93 0.18
CA MET A 17 8.71 -4.34 -0.13
C MET A 17 8.99 -5.14 1.11
N LEU A 18 8.03 -6.00 1.48
CA LEU A 18 8.28 -6.98 2.52
CA LEU A 18 8.24 -6.97 2.55
C LEU A 18 8.84 -8.20 1.86
N PHE A 19 10.01 -8.61 2.37
CA PHE A 19 10.83 -9.59 1.70
C PHE A 19 11.11 -10.73 2.65
N ARG A 20 10.80 -11.94 2.20
CA ARG A 20 11.06 -13.12 3.00
C ARG A 20 12.53 -13.48 2.90
N LYS A 21 13.15 -13.74 4.03
CA LYS A 21 14.57 -14.09 4.00
C LYS A 21 14.88 -15.41 3.36
N SER A 22 14.07 -16.42 3.64
CA SER A 22 14.41 -17.77 3.22
C SER A 22 13.13 -18.57 3.14
N PRO A 23 12.70 -18.92 1.93
CA PRO A 23 13.26 -18.59 0.62
C PRO A 23 13.20 -17.09 0.36
N GLN A 24 14.14 -16.56 -0.41
CA GLN A 24 14.15 -15.13 -0.76
C GLN A 24 13.03 -14.86 -1.76
N GLU A 25 11.98 -14.16 -1.33
CA GLU A 25 10.86 -13.89 -2.22
C GLU A 25 10.05 -12.69 -1.73
N LEU A 26 9.27 -12.11 -2.63
CA LEU A 26 8.34 -11.05 -2.28
C LEU A 26 7.25 -11.61 -1.40
N LEU A 27 7.04 -10.98 -0.26
CA LEU A 27 5.90 -11.32 0.58
C LEU A 27 4.73 -10.39 0.42
N CYS A 28 4.95 -9.10 0.31
CA CYS A 28 3.86 -8.15 0.32
C CYS A 28 4.45 -6.78 0.04
N GLY A 29 3.57 -5.83 -0.20
CA GLY A 29 3.87 -4.43 -0.11
C GLY A 29 3.66 -3.90 1.29
N ALA A 30 4.03 -2.64 1.43
CA ALA A 30 3.99 -1.91 2.69
C ALA A 30 4.31 -0.47 2.36
N SER A 31 4.27 0.38 3.37
CA SER A 31 4.55 1.80 3.21
C SER A 31 5.31 2.37 4.38
N LEU A 32 6.11 3.39 4.07
CA LEU A 32 6.92 4.07 5.07
C LEU A 32 6.13 5.26 5.60
N ILE A 33 5.91 5.28 6.91
CA ILE A 33 5.16 6.38 7.53
C ILE A 33 6.01 7.25 8.45
N SER A 34 7.24 6.84 8.74
CA SER A 34 8.21 7.66 9.42
C SER A 34 9.55 7.00 9.24
N ASP A 35 10.60 7.53 9.86
CA ASP A 35 11.90 6.90 9.68
C ASP A 35 12.04 5.54 10.35
N ARG A 36 11.07 5.16 11.19
CA ARG A 36 11.18 3.93 11.96
C ARG A 36 9.96 3.01 11.84
N TRP A 37 8.90 3.47 11.18
CA TRP A 37 7.65 2.73 11.15
C TRP A 37 7.18 2.46 9.73
N VAL A 38 6.73 1.22 9.52
CA VAL A 38 6.21 0.74 8.26
C VAL A 38 4.82 0.17 8.50
N LEU A 39 3.90 0.53 7.61
CA LEU A 39 2.51 0.09 7.66
C LEU A 39 2.27 -0.96 6.60
N THR A 40 1.51 -2.00 6.95
CA THR A 40 1.16 -3.03 6.00
C THR A 40 -0.18 -3.64 6.39
N ALA A 41 -0.58 -4.67 5.66
CA ALA A 41 -1.79 -5.43 5.97
C ALA A 41 -1.44 -6.50 6.98
N ALA A 42 -2.31 -6.68 7.99
CA ALA A 42 -2.11 -7.77 8.93
C ALA A 42 -1.98 -9.12 8.26
N HIS A 43 -2.74 -9.35 7.19
CA HIS A 43 -2.72 -10.67 6.56
C HIS A 43 -1.40 -10.98 5.86
N CYS A 44 -0.55 -9.97 5.66
CA CYS A 44 0.79 -10.21 5.18
C CYS A 44 1.64 -10.93 6.19
N LEU A 45 1.30 -10.77 7.47
CA LEU A 45 2.08 -11.32 8.57
C LEU A 45 1.41 -12.50 9.26
N LEU A 46 0.07 -12.47 9.32
CA LEU A 46 -0.69 -13.49 10.03
C LEU A 46 -1.91 -13.86 9.19
N TYR A 47 -1.93 -15.09 8.71
CA TYR A 47 -3.08 -15.60 8.00
C TYR A 47 -3.11 -17.11 8.16
N PRO A 48 -3.69 -17.59 9.26
CA PRO A 48 -3.70 -19.03 9.56
C PRO A 48 -4.26 -19.94 8.47
N PRO A 49 -5.26 -19.53 7.69
CA PRO A 49 -5.78 -20.43 6.66
C PRO A 49 -4.72 -20.83 5.65
N TRP A 50 -3.67 -20.02 5.52
CA TRP A 50 -2.56 -20.30 4.62
C TRP A 50 -1.28 -20.64 5.37
N ASP A 51 -1.39 -20.96 6.65
CA ASP A 51 -0.26 -21.30 7.50
C ASP A 51 0.78 -20.19 7.52
N LYS A 52 0.31 -18.95 7.49
CA LYS A 52 1.21 -17.81 7.55
C LYS A 52 1.18 -17.21 8.95
N ASN A 53 2.35 -17.15 9.57
CA ASN A 53 2.47 -16.52 10.87
C ASN A 53 3.92 -16.14 11.05
N PHE A 54 4.30 -15.00 10.48
CA PHE A 54 5.70 -14.62 10.45
C PHE A 54 6.14 -13.97 11.74
N THR A 55 7.38 -14.19 12.08
CA THR A 55 8.01 -13.47 13.18
C THR A 55 9.00 -12.47 12.59
N GLU A 56 9.48 -11.56 13.43
CA GLU A 56 10.35 -10.48 12.99
C GLU A 56 11.55 -10.98 12.21
N ASN A 57 12.20 -12.03 12.70
CA ASN A 57 13.45 -12.47 12.08
C ASN A 57 13.24 -13.17 10.74
N ASP A 58 11.99 -13.43 10.40
CA ASP A 58 11.70 -14.08 9.14
C ASP A 58 11.80 -13.14 7.97
N LEU A 59 11.80 -11.83 8.26
CA LEU A 59 11.45 -10.81 7.29
C LEU A 59 12.47 -9.71 7.18
N LEU A 60 12.54 -9.09 6.01
CA LEU A 60 13.23 -7.82 5.83
C LEU A 60 12.30 -6.85 5.16
N VAL A 61 12.58 -5.56 5.31
CA VAL A 61 11.91 -4.58 4.50
C VAL A 61 12.93 -3.91 3.60
N ARG A 62 12.51 -3.70 2.37
CA ARG A 62 13.38 -3.14 1.32
C ARG A 62 12.70 -1.85 0.89
N ILE A 63 13.38 -0.73 1.06
CA ILE A 63 12.81 0.61 0.91
C ILE A 63 13.58 1.32 -0.18
N GLY A 64 12.90 2.14 -0.98
CA GLY A 64 13.55 2.85 -2.07
C GLY A 64 13.60 2.08 -3.37
N LYS A 65 12.88 0.97 -3.48
CA LYS A 65 12.99 0.13 -4.65
C LYS A 65 12.16 0.58 -5.83
N HIS A 66 12.60 0.11 -7.00
CA HIS A 66 11.90 0.31 -8.21
C HIS A 66 11.83 -1.05 -8.93
N SER A 67 12.97 -1.59 -9.31
CA SER A 67 13.02 -2.95 -9.78
C SER A 67 12.46 -3.97 -8.77
N ARG A 68 11.69 -4.93 -9.24
CA ARG A 68 11.16 -5.99 -8.38
C ARG A 68 12.27 -6.88 -7.86
N THR A 69 13.11 -7.38 -8.76
CA THR A 69 13.98 -8.50 -8.44
C THR A 69 15.44 -8.13 -8.21
N ARG A 70 15.84 -6.99 -8.75
N ARG A 70 15.85 -6.98 -8.71
CA ARG A 70 17.23 -6.55 -8.67
CA ARG A 70 17.27 -6.66 -8.66
C ARG A 70 17.61 -6.01 -7.29
C ARG A 70 17.62 -6.01 -7.32
N TYR A 71 18.86 -6.21 -6.87
CA TYR A 71 19.38 -5.54 -5.70
C TYR A 71 19.84 -4.16 -6.16
N GLU A 72 19.12 -3.11 -5.75
CA GLU A 72 19.33 -1.78 -6.30
C GLU A 72 20.36 -1.05 -5.47
N ARG A 73 21.61 -1.45 -5.75
CA ARG A 73 22.75 -0.95 -5.02
C ARG A 73 22.79 0.58 -5.06
N ASN A 74 23.08 1.16 -3.90
CA ASN A 74 23.19 2.61 -3.68
C ASN A 74 21.87 3.38 -3.73
N ILE A 75 20.77 2.64 -3.86
CA ILE A 75 19.42 3.24 -3.93
C ILE A 75 18.50 2.66 -2.86
N GLU A 76 18.28 1.37 -2.90
CA GLU A 76 17.41 0.76 -1.90
C GLU A 76 18.16 0.62 -0.60
N LYS A 77 17.38 0.58 0.49
CA LYS A 77 17.92 0.33 1.81
C LYS A 77 17.14 -0.79 2.40
N ILE A 78 17.85 -1.68 3.07
CA ILE A 78 17.27 -2.88 3.65
C ILE A 78 17.32 -2.79 5.15
N SER A 79 16.16 -2.97 5.78
CA SER A 79 16.03 -2.80 7.21
C SER A 79 15.53 -4.07 7.85
N MET A 80 16.02 -4.33 9.07
CA MET A 80 15.52 -5.44 9.88
C MET A 80 14.40 -4.94 10.77
N LEU A 81 13.55 -5.87 11.19
CA LEU A 81 12.40 -5.56 12.02
CA LEU A 81 12.41 -5.53 12.03
C LEU A 81 12.73 -5.70 13.50
N GLU A 82 12.40 -4.68 14.28
CA GLU A 82 12.44 -4.78 15.73
C GLU A 82 11.20 -5.48 16.26
N LYS A 83 10.03 -5.07 15.78
CA LYS A 83 8.79 -5.62 16.32
C LYS A 83 7.64 -5.44 15.35
N ILE A 84 6.80 -6.45 15.30
CA ILE A 84 5.53 -6.44 14.58
C ILE A 84 4.39 -6.20 15.55
N TYR A 85 3.44 -5.37 15.15
CA TYR A 85 2.22 -5.12 15.90
C TYR A 85 1.04 -5.32 14.97
N ILE A 86 0.19 -6.26 15.30
CA ILE A 86 -1.00 -6.55 14.52
C ILE A 86 -2.20 -6.00 15.26
N HIS A 87 -3.16 -5.46 14.55
CA HIS A 87 -4.34 -4.95 15.22
C HIS A 87 -4.96 -6.05 16.07
N PRO A 88 -5.31 -5.75 17.33
CA PRO A 88 -5.83 -6.82 18.20
C PRO A 88 -7.17 -7.36 17.81
N ARG A 89 -7.89 -6.66 16.94
CA ARG A 89 -9.20 -7.12 16.47
C ARG A 89 -9.17 -7.44 14.98
N TYR A 90 -7.98 -7.66 14.44
CA TYR A 90 -7.87 -8.14 13.08
C TYR A 90 -8.63 -9.47 12.95
N ASN A 91 -9.51 -9.53 11.97
CA ASN A 91 -10.37 -10.69 11.75
C ASN A 91 -9.88 -11.52 10.57
N TRP A 92 -8.94 -12.41 10.85
CA TRP A 92 -8.43 -13.31 9.82
C TRP A 92 -9.40 -14.47 9.60
N ARG A 93 -10.33 -14.69 10.52
CA ARG A 93 -11.23 -15.82 10.42
CA ARG A 93 -11.23 -15.83 10.44
C ARG A 93 -12.27 -15.66 9.35
N GLU A 94 -12.75 -14.44 9.17
CA GLU A 94 -13.92 -14.21 8.33
C GLU A 94 -13.65 -13.36 7.10
N ASN A 95 -13.38 -12.07 7.30
CA ASN A 95 -13.44 -11.10 6.21
C ASN A 95 -12.30 -10.09 6.20
N LEU A 96 -11.22 -10.37 6.92
N LEU A 96 -11.23 -10.36 6.93
CA LEU A 96 -10.08 -9.49 6.99
CA LEU A 96 -10.06 -9.49 7.01
C LEU A 96 -10.46 -8.12 7.56
C LEU A 96 -10.46 -8.11 7.56
N ASP A 97 -11.48 -8.03 8.41
CA ASP A 97 -11.78 -6.78 9.07
C ASP A 97 -10.54 -6.32 9.85
N ARG A 98 -10.27 -5.02 9.75
CA ARG A 98 -9.14 -4.39 10.45
C ARG A 98 -7.81 -5.00 10.01
N ASP A 99 -7.61 -5.06 8.71
CA ASP A 99 -6.45 -5.70 8.11
C ASP A 99 -5.28 -4.71 8.09
N ILE A 100 -4.64 -4.58 9.25
CA ILE A 100 -3.61 -3.56 9.45
C ILE A 100 -2.59 -4.04 10.46
N ALA A 101 -1.33 -3.70 10.18
CA ALA A 101 -0.24 -4.02 11.04
C ALA A 101 0.84 -2.97 10.88
N LEU A 102 1.61 -2.80 11.94
CA LEU A 102 2.76 -1.93 11.95
C LEU A 102 4.01 -2.74 12.20
N MET A 103 5.12 -2.27 11.63
CA MET A 103 6.43 -2.84 11.86
C MET A 103 7.36 -1.72 12.25
N LYS A 104 8.01 -1.88 13.39
CA LYS A 104 9.04 -0.95 13.83
C LYS A 104 10.39 -1.47 13.36
N LEU A 105 11.16 -0.60 12.74
CA LEU A 105 12.49 -0.97 12.24
C LEU A 105 13.51 -0.93 13.35
N LYS A 106 14.55 -1.74 13.22
CA LYS A 106 15.58 -1.75 14.24
C LYS A 106 16.33 -0.43 14.30
N LYS A 107 16.52 0.21 13.14
CA LYS A 107 17.24 1.47 13.03
C LYS A 107 16.50 2.39 12.10
N PRO A 108 16.63 3.71 12.29
CA PRO A 108 15.96 4.61 11.36
C PRO A 108 16.52 4.49 9.93
N VAL A 109 15.66 4.60 8.94
CA VAL A 109 16.12 4.61 7.55
C VAL A 109 16.41 6.05 7.15
N ALA A 110 17.48 6.22 6.40
CA ALA A 110 17.85 7.55 5.91
C ALA A 110 16.99 7.90 4.70
N PHE A 111 16.39 9.08 4.73
CA PHE A 111 15.58 9.53 3.62
C PHE A 111 16.47 9.94 2.46
N SER A 112 15.93 9.91 1.26
CA SER A 112 16.69 10.21 0.05
C SER A 112 15.70 10.60 -1.02
N ASP A 113 16.18 10.78 -2.24
CA ASP A 113 15.27 11.03 -3.34
C ASP A 113 14.27 9.90 -3.55
N TYR A 114 14.64 8.70 -3.10
CA TYR A 114 13.88 7.49 -3.37
C TYR A 114 13.11 6.99 -2.15
N ILE A 115 13.36 7.58 -1.00
CA ILE A 115 12.86 7.11 0.30
C ILE A 115 12.30 8.29 1.06
N HIS A 116 11.00 8.30 1.29
CA HIS A 116 10.37 9.43 1.95
C HIS A 116 9.00 8.97 2.47
N PRO A 117 8.58 9.40 3.66
CA PRO A 117 7.31 8.92 4.19
C PRO A 117 6.08 9.54 3.57
N VAL A 118 5.00 8.76 3.56
CA VAL A 118 3.68 9.26 3.19
C VAL A 118 2.98 9.80 4.44
N CYS A 119 2.02 10.71 4.26
CA CYS A 119 1.23 11.20 5.37
C CYS A 119 0.11 10.22 5.67
N LEU A 120 -0.33 10.20 6.92
CA LEU A 120 -1.58 9.54 7.30
C LEU A 120 -2.65 10.59 7.41
N PRO A 121 -3.87 10.28 6.97
CA PRO A 121 -4.93 11.27 6.97
C PRO A 121 -5.40 11.65 8.35
N ASP A 122 -5.82 12.90 8.47
CA ASP A 122 -6.61 13.46 9.54
CA ASP A 122 -6.63 13.24 9.63
C ASP A 122 -8.09 13.20 9.22
N ARG A 123 -8.96 13.45 10.18
CA ARG A 123 -10.38 13.23 9.95
C ARG A 123 -10.91 14.06 8.78
N GLU A 124 -10.42 15.29 8.67
CA GLU A 124 -10.93 16.21 7.65
C GLU A 124 -10.49 15.84 6.22
N THR A 125 -9.23 15.49 6.08
CA THR A 125 -8.77 15.05 4.78
C THR A 125 -9.52 13.77 4.37
N ALA A 126 -9.71 12.86 5.32
CA ALA A 126 -10.44 11.64 5.02
C ALA A 126 -11.87 11.96 4.61
N ALA A 127 -12.54 12.83 5.36
CA ALA A 127 -13.93 13.16 5.06
C ALA A 127 -14.02 13.77 3.67
N SER A 128 -13.06 14.62 3.33
N SER A 128 -13.06 14.61 3.34
CA SER A 128 -13.09 15.34 2.06
CA SER A 128 -13.09 15.32 2.08
C SER A 128 -12.79 14.43 0.87
C SER A 128 -12.79 14.42 0.88
N LEU A 129 -11.85 13.51 1.05
CA LEU A 129 -11.35 12.75 -0.08
C LEU A 129 -11.96 11.38 -0.27
N LEU A 130 -12.47 10.75 0.80
CA LEU A 130 -13.00 9.40 0.65
C LEU A 130 -14.43 9.45 0.19
N GLN A 131 -14.59 9.75 -1.09
CA GLN A 131 -15.89 9.96 -1.71
C GLN A 131 -15.91 9.15 -2.98
N ALA A 132 -17.09 8.58 -3.26
CA ALA A 132 -17.24 7.82 -4.47
C ALA A 132 -16.88 8.65 -5.69
N GLY A 133 -16.11 8.04 -6.58
CA GLY A 133 -15.65 8.70 -7.79
C GLY A 133 -14.27 9.31 -7.67
N TYR A 134 -13.88 9.67 -6.45
CA TYR A 134 -12.56 10.25 -6.24
C TYR A 134 -11.55 9.13 -6.41
N LYS A 135 -10.46 9.42 -7.11
CA LYS A 135 -9.46 8.42 -7.43
C LYS A 135 -8.29 8.44 -6.47
N GLY A 136 -7.81 7.26 -6.16
CA GLY A 136 -6.56 7.07 -5.49
C GLY A 136 -5.63 6.24 -6.36
N ARG A 137 -4.46 5.98 -5.83
CA ARG A 137 -3.38 5.34 -6.56
C ARG A 137 -2.87 4.17 -5.76
N VAL A 138 -2.74 3.03 -6.43
CA VAL A 138 -2.29 1.80 -5.83
C VAL A 138 -1.01 1.38 -6.53
N THR A 139 -0.04 0.93 -5.73
CA THR A 139 1.26 0.57 -6.24
C THR A 139 1.70 -0.78 -5.68
N GLY A 140 2.44 -1.52 -6.49
CA GLY A 140 3.00 -2.74 -6.00
C GLY A 140 3.73 -3.55 -7.05
N TRP A 141 4.35 -4.61 -6.57
CA TRP A 141 5.11 -5.53 -7.42
C TRP A 141 4.39 -6.86 -7.57
N GLY A 142 3.09 -6.89 -7.29
CA GLY A 142 2.32 -8.10 -7.43
C GLY A 142 2.06 -8.50 -8.86
N ASN A 143 1.34 -9.59 -9.02
CA ASN A 143 1.12 -10.16 -10.33
C ASN A 143 0.37 -9.23 -11.25
N LEU A 144 0.69 -9.36 -12.53
CA LEU A 144 0.11 -8.54 -13.58
C LEU A 144 -1.24 -9.05 -14.04
N LYS A 145 -1.56 -10.30 -13.66
CA LYS A 145 -2.80 -10.93 -14.07
C LYS A 145 -3.23 -11.91 -13.02
N GLU A 146 -4.52 -12.18 -12.97
CA GLU A 146 -5.04 -13.15 -12.02
C GLU A 146 -4.46 -14.54 -12.26
N THR A 147 -4.36 -14.92 -13.52
CA THR A 147 -3.83 -16.24 -13.90
C THR A 147 -2.77 -16.07 -14.98
N GLY A 155 3.32 -12.19 -16.55
CA GLY A 155 2.97 -12.63 -15.21
C GLY A 155 3.40 -11.72 -14.08
N GLN A 156 4.70 -11.49 -13.93
CA GLN A 156 5.24 -10.64 -12.85
C GLN A 156 6.02 -9.47 -13.42
N PRO A 157 5.97 -8.31 -12.76
CA PRO A 157 6.57 -7.12 -13.37
C PRO A 157 8.08 -6.96 -13.14
N SER A 158 8.75 -6.31 -14.10
CA SER A 158 10.13 -5.93 -13.88
C SER A 158 10.29 -4.83 -12.85
N VAL A 159 9.39 -3.83 -12.86
CA VAL A 159 9.49 -2.69 -11.95
C VAL A 159 8.12 -2.43 -11.31
N LEU A 160 8.14 -1.60 -10.28
CA LEU A 160 6.97 -1.21 -9.54
C LEU A 160 5.88 -0.78 -10.51
N GLN A 161 4.65 -1.24 -10.26
CA GLN A 161 3.51 -0.86 -11.06
C GLN A 161 2.62 0.09 -10.30
N VAL A 162 1.87 0.88 -11.07
CA VAL A 162 0.98 1.89 -10.52
CA VAL A 162 1.00 1.94 -10.56
C VAL A 162 -0.34 1.87 -11.29
N VAL A 163 -1.43 2.07 -10.56
CA VAL A 163 -2.73 2.21 -11.19
C VAL A 163 -3.56 3.18 -10.37
N ASN A 164 -4.28 4.03 -11.07
CA ASN A 164 -5.19 4.95 -10.43
C ASN A 164 -6.62 4.40 -10.54
N LEU A 165 -7.36 4.40 -9.45
CA LEU A 165 -8.66 3.77 -9.40
C LEU A 165 -9.63 4.63 -8.61
N PRO A 166 -10.90 4.69 -9.04
CA PRO A 166 -11.90 5.44 -8.30
C PRO A 166 -12.49 4.68 -7.12
N ILE A 167 -12.70 5.38 -6.03
CA ILE A 167 -13.47 4.86 -4.90
C ILE A 167 -14.90 4.60 -5.38
N VAL A 168 -15.46 3.50 -4.90
CA VAL A 168 -16.79 3.06 -5.34
C VAL A 168 -17.81 3.27 -4.22
N GLU A 169 -19.03 3.58 -4.62
CA GLU A 169 -20.15 3.72 -3.70
C GLU A 169 -20.29 2.48 -2.83
N ARG A 170 -20.54 2.67 -1.54
CA ARG A 170 -20.58 1.52 -0.63
CA ARG A 170 -20.60 1.54 -0.62
C ARG A 170 -21.63 0.48 -1.01
N PRO A 171 -22.82 0.88 -1.47
CA PRO A 171 -23.79 -0.16 -1.85
C PRO A 171 -23.31 -0.99 -3.01
N VAL A 172 -22.57 -0.39 -3.95
CA VAL A 172 -22.04 -1.13 -5.09
C VAL A 172 -20.96 -2.09 -4.59
N CYS A 173 -20.09 -1.63 -3.69
CA CYS A 173 -19.14 -2.55 -3.09
C CYS A 173 -19.85 -3.76 -2.47
N LYS A 174 -20.85 -3.47 -1.67
CA LYS A 174 -21.58 -4.49 -0.94
CA LYS A 174 -21.57 -4.50 -0.94
C LYS A 174 -22.24 -5.49 -1.90
N ASP A 175 -22.82 -4.97 -2.96
CA ASP A 175 -23.57 -5.78 -3.89
C ASP A 175 -22.71 -6.57 -4.83
N SER A 176 -21.40 -6.36 -4.79
CA SER A 176 -20.47 -7.04 -5.68
C SER A 176 -19.96 -8.36 -5.10
N THR A 177 -20.27 -8.65 -3.84
CA THR A 177 -19.63 -9.74 -3.13
C THR A 177 -20.58 -10.34 -2.13
N ARG A 178 -20.30 -11.57 -1.74
CA ARG A 178 -20.98 -12.20 -0.62
C ARG A 178 -20.24 -12.01 0.69
N ILE A 179 -19.01 -11.54 0.63
CA ILE A 179 -18.25 -11.30 1.84
C ILE A 179 -18.83 -10.11 2.58
N ARG A 180 -18.83 -10.17 3.91
CA ARG A 180 -19.38 -9.10 4.72
C ARG A 180 -18.39 -7.94 4.75
N ILE A 181 -18.83 -6.79 4.28
CA ILE A 181 -17.99 -5.60 4.27
C ILE A 181 -18.24 -4.83 5.56
N THR A 182 -17.25 -4.11 6.03
CA THR A 182 -17.35 -3.32 7.23
C THR A 182 -16.93 -1.89 6.97
N ASP A 183 -17.21 -1.04 7.95
CA ASP A 183 -16.80 0.36 7.89
C ASP A 183 -15.29 0.51 7.90
N ASN A 184 -14.55 -0.54 8.23
CA ASN A 184 -13.10 -0.50 8.21
C ASN A 184 -12.51 -0.84 6.86
N MET A 185 -13.36 -0.87 5.84
CA MET A 185 -12.97 -1.16 4.47
C MET A 185 -13.61 -0.15 3.54
N PHE A 186 -12.97 0.07 2.40
CA PHE A 186 -13.65 0.71 1.27
C PHE A 186 -13.23 -0.05 0.03
N CYS A 187 -13.96 0.11 -1.07
CA CYS A 187 -13.58 -0.56 -2.31
C CYS A 187 -13.38 0.44 -3.42
N ALA A 188 -12.60 0.01 -4.41
CA ALA A 188 -12.21 0.88 -5.50
C ALA A 188 -12.02 0.04 -6.76
N GLY A 189 -12.19 0.70 -7.89
CA GLY A 189 -12.07 0.09 -9.19
C GLY A 189 -13.12 0.60 -10.13
N TYR A 190 -12.93 0.34 -11.40
CA TYR A 190 -13.87 0.77 -12.41
C TYR A 190 -15.02 -0.21 -12.50
N LYS A 191 -16.18 0.31 -12.90
N LYS A 191 -16.16 0.29 -12.96
CA LYS A 191 -17.36 -0.49 -13.20
CA LYS A 191 -17.32 -0.54 -13.18
C LYS A 191 -17.24 -1.08 -14.62
C LYS A 191 -17.23 -1.11 -14.60
N PRO A 192 -17.93 -2.21 -14.87
CA PRO A 192 -17.86 -2.78 -16.23
C PRO A 192 -18.19 -1.78 -17.34
N ASP A 193 -19.14 -0.88 -17.09
CA ASP A 193 -19.55 0.08 -18.12
C ASP A 193 -18.59 1.27 -18.23
N GLU A 194 -17.58 1.32 -17.37
CA GLU A 194 -16.68 2.47 -17.37
C GLU A 194 -15.53 2.32 -18.35
N GLY A 195 -15.36 1.13 -18.94
CA GLY A 195 -14.31 0.94 -19.93
C GLY A 195 -12.94 0.65 -19.30
N LYS A 196 -12.37 1.65 -18.61
CA LYS A 196 -11.04 1.52 -17.99
C LYS A 196 -11.05 0.37 -17.00
N ARG A 197 -9.85 -0.11 -16.67
CA ARG A 197 -9.68 -1.30 -15.85
C ARG A 197 -8.59 -1.08 -14.84
N GLY A 198 -8.30 -2.10 -14.04
CA GLY A 198 -7.20 -2.07 -13.14
C GLY A 198 -7.58 -2.59 -11.78
N ASP A 199 -6.61 -3.19 -11.11
CA ASP A 199 -6.81 -3.75 -9.78
C ASP A 199 -5.47 -4.09 -9.18
N ALA A 200 -5.47 -4.29 -7.87
CA ALA A 200 -4.38 -4.99 -7.22
C ALA A 200 -4.51 -6.48 -7.49
N CYS A 201 -3.45 -7.20 -7.16
CA CYS A 201 -3.47 -8.64 -7.31
C CYS A 201 -2.51 -9.26 -6.30
N GLU A 202 -2.30 -10.56 -6.43
N GLU A 202 -2.30 -10.57 -6.42
CA GLU A 202 -1.47 -11.28 -5.47
CA GLU A 202 -1.47 -11.28 -5.47
C GLU A 202 -0.07 -10.68 -5.43
C GLU A 202 -0.08 -10.68 -5.42
N GLY A 203 0.41 -10.42 -4.21
CA GLY A 203 1.69 -9.78 -4.01
C GLY A 203 1.61 -8.30 -3.76
N ASP A 204 0.46 -7.69 -4.08
CA ASP A 204 0.25 -6.27 -3.82
C ASP A 204 -0.29 -6.00 -2.44
N SER A 205 -0.79 -7.03 -1.75
CA SER A 205 -1.27 -6.94 -0.38
C SER A 205 -0.34 -6.09 0.45
N GLY A 206 -0.95 -5.24 1.27
CA GLY A 206 -0.19 -4.47 2.21
C GLY A 206 0.35 -3.16 1.69
N GLY A 207 0.36 -2.98 0.38
CA GLY A 207 0.77 -1.72 -0.18
C GLY A 207 -0.26 -0.64 -0.05
N PRO A 208 0.11 0.57 -0.44
CA PRO A 208 -0.73 1.72 -0.15
C PRO A 208 -1.68 2.11 -1.27
N PHE A 209 -2.85 2.62 -0.86
CA PHE A 209 -3.78 3.36 -1.71
C PHE A 209 -3.65 4.81 -1.24
N VAL A 210 -3.12 5.65 -2.11
CA VAL A 210 -2.81 7.02 -1.75
C VAL A 210 -3.62 8.00 -2.55
N MET A 211 -3.79 9.20 -1.99
CA MET A 211 -4.51 10.29 -2.66
C MET A 211 -3.70 11.56 -2.45
N LYS A 212 -3.66 12.44 -3.44
CA LYS A 212 -2.93 13.69 -3.31
C LYS A 212 -3.91 14.77 -2.93
N SER A 213 -3.79 15.28 -1.73
CA SER A 213 -4.75 16.29 -1.30
C SER A 213 -4.67 17.51 -2.21
N PRO A 214 -5.80 17.97 -2.73
CA PRO A 214 -5.79 19.20 -3.54
C PRO A 214 -5.74 20.46 -2.65
N PHE A 215 -5.86 20.28 -1.35
CA PHE A 215 -5.81 21.38 -0.40
C PHE A 215 -4.40 21.76 -0.04
N ASN A 216 -3.53 20.78 0.16
CA ASN A 216 -2.15 21.07 0.59
C ASN A 216 -1.10 20.37 -0.26
N ASN A 217 -1.51 19.69 -1.33
CA ASN A 217 -0.61 19.07 -2.28
C ASN A 217 0.32 18.04 -1.70
N ARG A 218 -0.13 17.37 -0.64
CA ARG A 218 0.58 16.26 -0.03
C ARG A 218 -0.12 14.96 -0.30
N TRP A 219 0.64 13.90 -0.38
CA TRP A 219 0.11 12.54 -0.51
C TRP A 219 -0.21 11.93 0.85
N TYR A 220 -1.42 11.38 0.90
CA TYR A 220 -1.97 10.72 2.06
C TYR A 220 -2.28 9.28 1.76
N GLN A 221 -1.98 8.40 2.69
CA GLN A 221 -2.38 7.00 2.54
C GLN A 221 -3.72 6.76 3.17
N MET A 222 -4.71 6.57 2.29
CA MET A 222 -6.08 6.34 2.71
C MET A 222 -6.40 4.88 2.91
N GLY A 223 -5.72 3.99 2.19
CA GLY A 223 -6.06 2.59 2.22
C GLY A 223 -4.81 1.72 2.22
N ILE A 224 -5.05 0.44 2.52
CA ILE A 224 -4.05 -0.62 2.44
C ILE A 224 -4.66 -1.71 1.57
N VAL A 225 -3.93 -2.19 0.56
CA VAL A 225 -4.40 -3.29 -0.27
C VAL A 225 -4.74 -4.48 0.62
N SER A 226 -6.01 -4.90 0.60
CA SER A 226 -6.48 -5.92 1.51
C SER A 226 -7.00 -7.17 0.80
N TRP A 227 -8.07 -7.07 0.04
CA TRP A 227 -8.68 -8.29 -0.52
C TRP A 227 -9.48 -8.01 -1.75
N GLY A 228 -9.63 -9.06 -2.55
N GLY A 228 -9.65 -9.06 -2.54
CA GLY A 228 -10.36 -9.01 -3.78
CA GLY A 228 -10.47 -8.99 -3.73
C GLY A 228 -10.64 -10.42 -4.24
C GLY A 228 -11.12 -10.33 -3.92
N GLU A 229 -11.64 -10.56 -5.10
CA GLU A 229 -12.07 -11.87 -5.56
C GLU A 229 -11.60 -11.97 -7.00
N GLY A 230 -10.52 -12.69 -7.17
CA GLY A 230 -9.76 -12.63 -8.39
C GLY A 230 -9.02 -11.32 -8.47
N CYS A 231 -8.60 -10.97 -9.67
CA CYS A 231 -7.96 -9.67 -9.91
C CYS A 231 -8.53 -9.10 -11.19
N ASP A 232 -8.98 -7.85 -11.11
CA ASP A 232 -9.47 -7.11 -12.27
C ASP A 232 -10.64 -7.82 -12.96
N ARG A 233 -11.49 -8.49 -12.20
CA ARG A 233 -12.69 -9.08 -12.79
C ARG A 233 -13.77 -8.05 -12.98
N ASP A 234 -14.51 -8.16 -14.07
CA ASP A 234 -15.66 -7.28 -14.26
C ASP A 234 -16.68 -7.50 -13.15
N GLY A 235 -17.11 -6.40 -12.55
CA GLY A 235 -18.12 -6.42 -11.52
C GLY A 235 -17.60 -6.72 -10.14
N LYS A 236 -16.29 -6.94 -10.03
CA LYS A 236 -15.65 -7.07 -8.73
C LYS A 236 -14.82 -5.82 -8.49
N TYR A 237 -14.45 -5.61 -7.23
CA TYR A 237 -13.68 -4.44 -6.83
C TYR A 237 -12.62 -4.87 -5.84
N GLY A 238 -11.56 -4.09 -5.73
CA GLY A 238 -10.58 -4.34 -4.71
C GLY A 238 -11.03 -3.66 -3.43
N PHE A 239 -10.72 -4.29 -2.30
CA PHE A 239 -11.03 -3.79 -0.96
C PHE A 239 -9.77 -3.41 -0.24
N TYR A 240 -9.88 -2.29 0.45
CA TYR A 240 -8.76 -1.61 1.08
C TYR A 240 -9.09 -1.31 2.52
N THR A 241 -8.12 -1.53 3.40
CA THR A 241 -8.27 -1.13 4.79
C THR A 241 -8.42 0.35 4.90
N HIS A 242 -9.39 0.80 5.67
CA HIS A 242 -9.68 2.23 5.85
C HIS A 242 -8.74 2.76 6.91
N VAL A 243 -7.63 3.36 6.47
CA VAL A 243 -6.58 3.77 7.39
C VAL A 243 -7.08 4.76 8.44
N PHE A 244 -7.81 5.78 8.01
CA PHE A 244 -8.26 6.75 8.98
C PHE A 244 -9.09 6.10 10.09
N ARG A 245 -9.97 5.17 9.74
CA ARG A 245 -10.81 4.53 10.74
C ARG A 245 -10.00 3.81 11.80
N LEU A 246 -8.77 3.39 11.45
CA LEU A 246 -7.91 2.64 12.35
C LEU A 246 -6.77 3.48 12.89
N LYS A 247 -6.83 4.79 12.67
CA LYS A 247 -5.70 5.63 13.02
C LYS A 247 -5.48 5.74 14.52
N LYS A 248 -6.55 5.66 15.32
CA LYS A 248 -6.36 5.72 16.76
C LYS A 248 -5.50 4.56 17.23
N TRP A 249 -5.67 3.38 16.62
CA TRP A 249 -4.81 2.26 16.96
C TRP A 249 -3.35 2.51 16.53
N ILE A 250 -3.18 3.02 15.31
CA ILE A 250 -1.85 3.37 14.86
C ILE A 250 -1.17 4.28 15.84
N GLN A 251 -1.88 5.33 16.25
CA GLN A 251 -1.28 6.34 17.11
C GLN A 251 -0.97 5.74 18.47
N LYS A 252 -1.84 4.86 18.96
CA LYS A 252 -1.65 4.24 20.27
C LYS A 252 -0.37 3.43 20.26
N VAL A 253 -0.15 2.68 19.19
CA VAL A 253 1.03 1.85 19.06
C VAL A 253 2.28 2.70 18.98
N ILE A 254 2.28 3.70 18.11
CA ILE A 254 3.45 4.54 17.97
C ILE A 254 3.73 5.32 19.26
N ASP A 255 2.68 5.79 19.93
CA ASP A 255 2.86 6.58 21.15
C ASP A 255 3.44 5.72 22.26
N GLN A 256 3.04 4.44 22.29
CA GLN A 256 3.47 3.54 23.35
C GLN A 256 4.87 2.99 23.10
N PHE A 257 5.16 2.68 21.84
CA PHE A 257 6.34 1.89 21.50
C PHE A 257 7.39 2.65 20.70
N GLY A 258 7.08 3.88 20.32
CA GLY A 258 7.98 4.68 19.52
C GLY A 258 9.24 5.06 20.27
N ASP B 1 14.66 -16.24 -8.25
CA ASP B 1 14.29 -15.19 -9.18
C ASP B 1 14.81 -13.81 -8.77
N PHE B 2 15.12 -13.68 -7.49
CA PHE B 2 15.63 -12.42 -6.97
C PHE B 2 17.14 -12.40 -6.89
N GLU B 3 17.73 -11.27 -7.25
CA GLU B 3 19.16 -11.10 -7.06
C GLU B 3 19.51 -11.21 -5.59
N GLU B 4 20.59 -11.92 -5.28
CA GLU B 4 21.05 -12.05 -3.90
C GLU B 4 21.29 -10.67 -3.30
N ILE B 5 20.94 -10.50 -2.04
CA ILE B 5 21.22 -9.26 -1.35
C ILE B 5 22.46 -9.44 -0.51
N PRO B 6 23.11 -8.34 -0.12
CA PRO B 6 24.34 -8.44 0.68
C PRO B 6 24.14 -9.26 1.96
N GLU B 7 25.16 -10.03 2.32
CA GLU B 7 25.07 -10.95 3.45
C GLU B 7 24.82 -10.23 4.76
N GLU B 8 25.27 -8.99 4.84
CA GLU B 8 25.12 -8.19 6.06
C GLU B 8 23.65 -8.11 6.49
N LEU B 10 21.46 -10.51 6.11
CA LEU B 10 20.94 -11.85 6.38
C LEU B 10 21.64 -12.48 7.58
N GLN B 11 22.20 -11.66 8.46
CA GLN B 11 22.92 -12.19 9.61
C GLN B 11 22.10 -11.95 10.89
N GLU C 1 5.47 13.29 10.26
CA GLU C 1 6.56 14.17 9.89
C GLU C 1 6.01 15.41 9.17
N ALA C 2 6.61 16.55 9.50
CA ALA C 2 6.22 17.82 8.92
C ALA C 2 6.38 17.79 7.39
N ASP C 3 7.27 16.95 6.90
CA ASP C 3 7.55 16.88 5.48
C ASP C 3 6.89 15.68 4.76
N CYS C 4 5.96 15.02 5.43
CA CYS C 4 5.40 13.81 4.85
C CYS C 4 4.69 14.12 3.56
N GLY C 5 4.69 13.13 2.67
CA GLY C 5 3.83 13.22 1.51
C GLY C 5 4.28 14.15 0.42
N LEU C 6 5.50 14.68 0.53
CA LEU C 6 6.07 15.57 -0.48
C LEU C 6 7.28 14.87 -1.06
N ARG C 7 7.22 14.52 -2.34
CA ARG C 7 8.23 13.66 -2.93
C ARG C 7 9.42 14.48 -3.41
N PRO C 8 10.64 14.08 -3.08
CA PRO C 8 11.85 14.78 -3.54
C PRO C 8 11.87 15.02 -5.02
N LEU C 9 11.47 14.06 -5.84
CA LEU C 9 11.60 14.19 -7.26
C LEU C 9 10.40 14.82 -7.95
N PHE C 10 9.37 15.15 -7.17
CA PHE C 10 8.15 15.72 -7.72
C PHE C 10 7.78 16.98 -6.98
N GLU C 11 7.00 16.91 -5.92
CA GLU C 11 6.55 18.12 -5.25
C GLU C 11 7.70 19.01 -4.81
N LYS C 12 8.78 18.43 -4.29
CA LYS C 12 9.87 19.27 -3.81
C LYS C 12 10.53 20.04 -4.91
N LYS C 13 10.38 19.67 -6.17
CA LYS C 13 10.95 20.36 -7.32
CA LYS C 13 10.98 20.46 -7.23
C LYS C 13 9.89 21.00 -8.19
N SER C 14 8.65 20.99 -7.72
CA SER C 14 7.51 21.43 -8.51
C SER C 14 7.44 20.73 -9.88
N LEU C 15 7.67 19.41 -9.88
CA LEU C 15 7.45 18.60 -11.08
C LEU C 15 6.27 17.69 -10.80
N GLU C 16 5.43 17.49 -11.79
N GLU C 16 5.47 17.45 -11.82
CA GLU C 16 4.33 16.55 -11.65
CA GLU C 16 4.27 16.62 -11.74
C GLU C 16 4.65 15.25 -12.31
C GLU C 16 4.46 15.29 -12.43
N ASP C 17 4.05 14.21 -11.78
CA ASP C 17 4.14 12.89 -12.42
C ASP C 17 3.10 12.79 -13.51
N LYS C 18 3.18 11.74 -14.29
CA LYS C 18 2.42 11.69 -15.53
C LYS C 18 0.93 11.51 -15.35
N THR C 19 0.47 11.06 -14.18
CA THR C 19 -0.95 10.77 -14.02
C THR C 19 -1.58 11.41 -12.78
N GLU C 20 -0.86 12.21 -12.02
CA GLU C 20 -1.47 12.80 -10.84
C GLU C 20 -2.62 13.74 -11.21
N ARG C 21 -2.58 14.33 -12.39
CA ARG C 21 -3.68 15.17 -12.84
C ARG C 21 -5.00 14.39 -12.91
N GLU C 22 -4.94 13.10 -13.25
CA GLU C 22 -6.13 12.28 -13.29
C GLU C 22 -6.79 12.22 -11.92
N LEU C 23 -5.97 12.14 -10.88
CA LEU C 23 -6.51 12.18 -9.52
C LEU C 23 -7.16 13.52 -9.25
N LEU C 24 -6.45 14.59 -9.53
CA LEU C 24 -6.96 15.92 -9.26
C LEU C 24 -8.30 16.14 -9.95
N GLU C 25 -8.41 15.71 -11.20
CA GLU C 25 -9.64 15.92 -11.96
C GLU C 25 -10.81 15.17 -11.37
N SER C 26 -10.55 14.11 -10.62
CA SER C 26 -11.63 13.36 -9.98
C SER C 26 -12.11 14.00 -8.68
N TYR C 27 -11.36 14.97 -8.16
CA TYR C 27 -11.68 15.56 -6.85
C TYR C 27 -12.59 16.73 -7.12
N ILE C 28 -13.86 16.44 -7.33
CA ILE C 28 -14.76 17.42 -7.93
C ILE C 28 -15.43 18.28 -6.88
#